data_1MIE
#
_entry.id   1MIE
#
_cell.length_a   138.858
_cell.length_b   40.084
_cell.length_c   81.009
_cell.angle_alpha   90.00
_cell.angle_beta   109.76
_cell.angle_gamma   90.00
#
_symmetry.space_group_name_H-M   'C 1 2 1'
#
loop_
_entity.id
_entity.type
_entity.pdbx_description
1 polymer 'IMMUNOGLOBULIN MS5-393'
2 polymer 'IMMUNOGLOBULIN MS5-393'
3 water water
#
loop_
_entity_poly.entity_id
_entity_poly.type
_entity_poly.pdbx_seq_one_letter_code
_entity_poly.pdbx_strand_id
1 'polypeptide(L)'
;EIVMTQAAPSVPVTPGESVSISCRSSKSLLHSNGNTYLNWFLQRPGQSPQLLIYRMSNLASGVPDRFSGSGSETAFTLRT
SRVEAEDVGVYYCMQHLEYPFTFGSGTKLELKRADAAPTVSIFPPSSEQLTSGGASVVCFLNNFYPKDINVKWKIDGSER
QNGVLNSWTDQDSKDSTYSMSSTLTLTKDEYERHNSYTCEATHKTSTSPIVKSFNRNEC
;
L
2 'polypeptide(L)'
;QVQLQQPGAELVKPGASVKLSCKASGYTFTSSWINWVKQRPGQGLEWIGNVYPGSSSTNYNEKFKNKATLTVDTSSSTAY
MQLSSLTSDDSAFYYCVRKDYSWFPYWGQGTLVTVSAAKTTAPSVYPLAPVCGDTSGSSVTLGCLVKGYFPEPVTLTWNS
GSLSSGVHTFPAVLQSDLYTLSSSVTVTSSTWPSQSITCNVAHPASSTKVDKKIEPRGPTIKPCPPCK
;
H
#
# COMPACT_ATOMS: atom_id res chain seq x y z
N GLU A 1 16.56 -23.67 -11.30
CA GLU A 1 16.26 -23.05 -9.98
C GLU A 1 15.02 -23.71 -9.35
N ILE A 2 14.89 -23.57 -8.03
CA ILE A 2 13.77 -24.17 -7.31
C ILE A 2 12.48 -23.37 -7.45
N VAL A 3 11.39 -24.07 -7.74
CA VAL A 3 10.08 -23.44 -7.91
C VAL A 3 9.25 -23.61 -6.64
N MET A 4 8.89 -22.47 -6.04
CA MET A 4 8.08 -22.44 -4.81
C MET A 4 6.63 -22.18 -5.19
N THR A 5 5.73 -23.08 -4.78
CA THR A 5 4.32 -22.93 -5.10
C THR A 5 3.38 -22.87 -3.90
N GLN A 6 2.40 -21.99 -4.00
CA GLN A 6 1.38 -21.81 -2.98
C GLN A 6 0.06 -21.92 -3.72
N ALA A 7 -0.50 -23.13 -3.76
CA ALA A 7 -1.74 -23.43 -4.46
C ALA A 7 -2.88 -22.44 -4.28
N ALA A 8 -2.97 -21.81 -3.11
CA ALA A 8 -4.03 -20.85 -2.84
C ALA A 8 -3.56 -19.40 -2.86
N PRO A 9 -4.23 -18.53 -3.66
CA PRO A 9 -3.85 -17.12 -3.74
C PRO A 9 -4.48 -16.34 -2.58
N SER A 10 -5.46 -16.98 -1.94
CA SER A 10 -6.17 -16.40 -0.80
C SER A 10 -6.86 -17.49 0.01
N VAL A 11 -7.01 -17.24 1.30
CA VAL A 11 -7.67 -18.17 2.20
C VAL A 11 -8.46 -17.38 3.25
N PRO A 12 -9.76 -17.63 3.36
CA PRO A 12 -10.58 -16.92 4.35
C PRO A 12 -10.43 -17.57 5.72
N VAL A 13 -11.02 -16.96 6.73
CA VAL A 13 -10.94 -17.47 8.10
C VAL A 13 -11.76 -16.58 9.03
N THR A 14 -12.41 -17.23 9.99
CA THR A 14 -13.21 -16.53 10.98
C THR A 14 -12.30 -16.03 12.09
N PRO A 15 -12.42 -14.75 12.45
CA PRO A 15 -11.55 -14.23 13.52
C PRO A 15 -11.61 -15.13 14.75
N GLY A 16 -10.43 -15.57 15.20
CA GLY A 16 -10.38 -16.43 16.36
C GLY A 16 -10.30 -17.89 15.95
N GLU A 17 -10.31 -18.12 14.65
CA GLU A 17 -10.20 -19.47 14.11
C GLU A 17 -8.79 -19.75 13.65
N SER A 18 -8.46 -21.02 13.45
CA SER A 18 -7.13 -21.40 13.00
C SER A 18 -7.14 -21.62 11.50
N VAL A 19 -6.02 -21.36 10.86
CA VAL A 19 -5.93 -21.52 9.42
C VAL A 19 -4.52 -21.97 9.05
N SER A 20 -4.37 -22.56 7.86
CA SER A 20 -3.06 -23.01 7.43
C SER A 20 -2.77 -22.69 5.97
N ILE A 21 -1.60 -22.12 5.74
CA ILE A 21 -1.17 -21.75 4.40
C ILE A 21 -0.12 -22.75 3.99
N SER A 22 -0.41 -23.50 2.93
CA SER A 22 0.50 -24.52 2.43
C SER A 22 1.39 -24.00 1.31
N CYS A 23 2.55 -24.62 1.16
CA CYS A 23 3.52 -24.22 0.14
C CYS A 23 4.40 -25.43 -0.18
N ARG A 24 4.98 -25.45 -1.38
CA ARG A 24 5.83 -26.58 -1.78
C ARG A 24 6.99 -26.17 -2.67
N SER A 25 8.13 -26.84 -2.50
CA SER A 25 9.29 -26.57 -3.35
C SER A 25 9.43 -27.75 -4.32
N SER A 26 9.99 -27.49 -5.49
CA SER A 26 10.17 -28.54 -6.49
C SER A 26 11.31 -29.48 -6.08
N LYS A 27 12.09 -29.05 -5.09
CA LYS A 27 13.23 -29.80 -4.59
C LYS A 27 13.19 -29.83 -3.07
N SER A 28 13.93 -30.77 -2.47
CA SER A 28 13.99 -30.87 -1.02
C SER A 28 14.81 -29.71 -0.49
N LEU A 29 14.32 -29.03 0.53
CA LEU A 29 15.05 -27.89 1.09
C LEU A 29 15.80 -28.29 2.36
N LEU A 30 15.84 -29.60 2.64
CA LEU A 30 16.53 -30.11 3.81
C LEU A 30 18.00 -30.35 3.49
N HIS A 31 18.85 -29.41 3.89
CA HIS A 31 20.29 -29.51 3.64
C HIS A 31 20.89 -30.56 4.55
N SER A 32 21.96 -31.20 4.08
CA SER A 32 22.64 -32.25 4.84
C SER A 32 22.99 -31.79 6.25
N ASN A 33 23.23 -30.50 6.42
CA ASN A 33 23.57 -29.95 7.73
C ASN A 33 22.38 -30.08 8.68
N GLY A 34 21.30 -30.69 8.21
CA GLY A 34 20.13 -30.89 9.05
C GLY A 34 19.10 -29.78 9.05
N ASN A 35 19.45 -28.64 8.45
CA ASN A 35 18.54 -27.49 8.38
C ASN A 35 17.70 -27.43 7.12
N THR A 36 16.41 -27.16 7.31
CA THR A 36 15.45 -27.01 6.21
C THR A 36 15.35 -25.51 5.94
N TYR A 37 16.06 -25.05 4.91
CA TYR A 37 16.11 -23.63 4.55
C TYR A 37 14.87 -23.10 3.84
N LEU A 38 13.87 -22.79 4.67
CA LEU A 38 12.60 -22.27 4.21
C LEU A 38 12.17 -21.13 5.14
N ASN A 39 11.76 -20.02 4.55
CA ASN A 39 11.31 -18.86 5.30
C ASN A 39 9.85 -18.54 5.04
N TRP A 40 9.27 -17.80 5.96
CA TRP A 40 7.89 -17.34 5.85
C TRP A 40 7.92 -15.84 6.16
N PHE A 41 7.14 -15.09 5.38
CA PHE A 41 7.05 -13.64 5.53
C PHE A 41 5.61 -13.20 5.44
N LEU A 42 5.29 -12.09 6.09
CA LEU A 42 3.96 -11.53 6.02
C LEU A 42 4.19 -10.15 5.45
N GLN A 43 3.38 -9.74 4.48
CA GLN A 43 3.58 -8.40 3.95
C GLN A 43 2.28 -7.65 4.05
N ARG A 44 2.36 -6.46 4.64
CA ARG A 44 1.18 -5.63 4.80
C ARG A 44 1.26 -4.50 3.80
N PRO A 45 0.09 -4.01 3.38
CA PRO A 45 0.02 -2.91 2.41
C PRO A 45 0.98 -1.78 2.76
N GLY A 46 1.87 -1.45 1.82
CA GLY A 46 2.82 -0.38 2.02
C GLY A 46 3.95 -0.62 3.01
N GLN A 47 4.23 -1.88 3.32
CA GLN A 47 5.29 -2.22 4.28
C GLN A 47 6.20 -3.31 3.75
N SER A 48 7.50 -3.21 4.04
CA SER A 48 8.45 -4.21 3.61
C SER A 48 8.06 -5.52 4.31
N PRO A 49 8.27 -6.67 3.65
CA PRO A 49 7.90 -7.96 4.28
C PRO A 49 8.56 -8.10 5.64
N GLN A 50 8.08 -9.06 6.43
CA GLN A 50 8.63 -9.30 7.74
C GLN A 50 8.64 -10.79 8.04
N LEU A 51 9.81 -11.29 8.44
CA LEU A 51 9.98 -12.71 8.74
C LEU A 51 9.12 -13.13 9.90
N LEU A 52 8.58 -14.33 9.80
CA LEU A 52 7.72 -14.91 10.82
C LEU A 52 8.34 -16.23 11.29
N ILE A 53 8.86 -16.99 10.33
CA ILE A 53 9.48 -18.27 10.59
C ILE A 53 10.73 -18.37 9.75
N TYR A 54 11.80 -18.92 10.33
CA TYR A 54 13.05 -19.11 9.61
C TYR A 54 13.50 -20.56 9.79
N ARG A 55 14.31 -21.05 8.86
CA ARG A 55 14.78 -22.42 8.91
C ARG A 55 13.60 -23.37 9.13
N MET A 56 12.62 -23.22 8.25
CA MET A 56 11.39 -24.00 8.25
C MET A 56 10.45 -23.84 9.43
N SER A 57 10.96 -23.94 10.66
CA SER A 57 10.07 -23.86 11.82
C SER A 57 10.45 -22.97 13.01
N ASN A 58 11.40 -22.06 12.83
CA ASN A 58 11.78 -21.19 13.94
C ASN A 58 10.96 -19.90 13.98
N LEU A 59 10.23 -19.70 15.08
CA LEU A 59 9.42 -18.51 15.27
C LEU A 59 10.36 -17.30 15.38
N ALA A 60 10.07 -16.24 14.62
CA ALA A 60 10.91 -15.05 14.63
C ALA A 60 10.76 -14.24 15.91
N SER A 61 11.86 -13.61 16.33
CA SER A 61 11.86 -12.78 17.53
C SER A 61 10.90 -11.60 17.38
N GLY A 62 10.05 -11.41 18.39
CA GLY A 62 9.09 -10.33 18.33
C GLY A 62 7.78 -10.79 17.73
N VAL A 63 7.83 -11.96 17.09
CA VAL A 63 6.66 -12.54 16.44
C VAL A 63 5.85 -13.32 17.48
N PRO A 64 4.51 -13.15 17.47
CA PRO A 64 3.68 -13.87 18.45
C PRO A 64 3.80 -15.38 18.28
N ASP A 65 3.57 -16.10 19.37
CA ASP A 65 3.65 -17.55 19.38
C ASP A 65 2.40 -18.21 18.80
N ARG A 66 1.65 -17.44 18.01
CA ARG A 66 0.44 -17.94 17.39
C ARG A 66 0.82 -18.53 16.03
N PHE A 67 1.90 -18.02 15.47
CA PHE A 67 2.38 -18.47 14.17
C PHE A 67 3.43 -19.56 14.34
N SER A 68 3.39 -20.55 13.45
CA SER A 68 4.33 -21.66 13.49
C SER A 68 4.30 -22.45 12.18
N GLY A 69 5.48 -22.82 11.69
CA GLY A 69 5.57 -23.57 10.46
C GLY A 69 6.06 -25.00 10.63
N SER A 70 5.40 -25.91 9.93
CA SER A 70 5.74 -27.32 9.95
C SER A 70 5.77 -27.80 8.50
N GLY A 71 6.21 -29.04 8.26
CA GLY A 71 6.26 -29.55 6.90
C GLY A 71 7.40 -30.49 6.57
N SER A 72 7.14 -31.42 5.65
CA SER A 72 8.12 -32.42 5.21
C SER A 72 9.38 -31.79 4.63
N GLU A 73 9.87 -32.32 3.52
CA GLU A 73 11.06 -31.79 2.88
C GLU A 73 10.68 -30.93 1.66
N THR A 74 9.41 -31.03 1.24
CA THR A 74 8.94 -30.26 0.08
C THR A 74 7.53 -29.70 0.28
N ALA A 75 6.86 -30.09 1.35
CA ALA A 75 5.51 -29.63 1.64
C ALA A 75 5.50 -28.96 2.99
N PHE A 76 5.23 -27.65 2.99
CA PHE A 76 5.23 -26.87 4.22
C PHE A 76 3.85 -26.30 4.55
N THR A 77 3.59 -26.13 5.85
CA THR A 77 2.32 -25.62 6.33
C THR A 77 2.50 -24.58 7.44
N LEU A 78 1.97 -23.39 7.20
CA LEU A 78 2.01 -22.29 8.17
C LEU A 78 0.63 -22.28 8.81
N ARG A 79 0.59 -22.34 10.13
CA ARG A 79 -0.67 -22.32 10.84
C ARG A 79 -0.75 -21.08 11.72
N THR A 80 -1.93 -20.48 11.77
CA THR A 80 -2.15 -19.31 12.60
C THR A 80 -3.30 -19.73 13.50
N SER A 81 -3.08 -19.72 14.80
CA SER A 81 -4.11 -20.09 15.74
C SER A 81 -4.80 -18.84 16.23
N ARG A 82 -6.12 -18.88 16.32
CA ARG A 82 -6.89 -17.73 16.78
C ARG A 82 -6.44 -16.47 16.05
N VAL A 83 -6.72 -16.40 14.76
CA VAL A 83 -6.34 -15.28 13.93
C VAL A 83 -6.90 -13.95 14.44
N GLU A 84 -6.15 -12.88 14.19
CA GLU A 84 -6.56 -11.55 14.59
C GLU A 84 -6.60 -10.65 13.35
N ALA A 85 -7.46 -9.65 13.38
CA ALA A 85 -7.61 -8.73 12.26
C ALA A 85 -6.25 -8.22 11.82
N GLU A 86 -5.35 -8.08 12.78
CA GLU A 86 -3.99 -7.60 12.52
C GLU A 86 -3.17 -8.53 11.61
N ASP A 87 -3.63 -9.78 11.46
CA ASP A 87 -2.91 -10.75 10.64
C ASP A 87 -3.18 -10.69 9.15
N VAL A 88 -4.22 -9.97 8.73
CA VAL A 88 -4.50 -9.88 7.31
C VAL A 88 -3.24 -9.40 6.61
N GLY A 89 -3.08 -9.82 5.38
CA GLY A 89 -1.91 -9.45 4.62
C GLY A 89 -1.61 -10.62 3.71
N VAL A 90 -0.46 -10.58 3.05
CA VAL A 90 -0.11 -11.65 2.16
C VAL A 90 1.09 -12.39 2.72
N TYR A 91 0.96 -13.71 2.80
CA TYR A 91 2.02 -14.56 3.33
C TYR A 91 2.79 -15.27 2.24
N TYR A 92 4.12 -15.15 2.30
CA TYR A 92 4.98 -15.78 1.31
C TYR A 92 5.87 -16.84 1.94
N CYS A 93 6.30 -17.79 1.11
CA CYS A 93 7.24 -18.81 1.57
C CYS A 93 8.45 -18.58 0.69
N MET A 94 9.63 -18.77 1.24
CA MET A 94 10.84 -18.58 0.47
C MET A 94 11.87 -19.65 0.78
N GLN A 95 12.62 -20.01 -0.27
CA GLN A 95 13.67 -21.00 -0.13
C GLN A 95 14.95 -20.26 -0.36
N HIS A 96 15.93 -20.53 0.48
CA HIS A 96 17.23 -19.89 0.33
C HIS A 96 18.33 -20.95 0.36
N LEU A 97 17.91 -22.19 0.16
CA LEU A 97 18.82 -23.34 0.13
C LEU A 97 19.86 -23.14 -0.99
N GLU A 98 19.38 -22.99 -2.22
CA GLU A 98 20.26 -22.80 -3.38
C GLU A 98 19.99 -21.47 -4.08
N TYR A 99 21.01 -20.98 -4.79
CA TYR A 99 20.86 -19.73 -5.55
C TYR A 99 20.23 -20.11 -6.89
N PRO A 100 19.33 -19.26 -7.42
CA PRO A 100 18.91 -18.00 -6.79
C PRO A 100 17.73 -18.25 -5.85
N PHE A 101 17.66 -17.49 -4.75
CA PHE A 101 16.55 -17.66 -3.81
C PHE A 101 15.23 -17.42 -4.54
N THR A 102 14.19 -18.16 -4.19
CA THR A 102 12.90 -17.97 -4.86
C THR A 102 11.69 -17.96 -3.91
N PHE A 103 10.71 -17.13 -4.24
CA PHE A 103 9.50 -16.98 -3.44
C PHE A 103 8.27 -17.70 -3.96
N GLY A 104 7.35 -18.01 -3.06
CA GLY A 104 6.11 -18.63 -3.45
C GLY A 104 5.29 -17.48 -4.05
N SER A 105 4.06 -17.74 -4.47
CA SER A 105 3.24 -16.73 -5.10
C SER A 105 2.44 -15.85 -4.12
N GLY A 106 2.46 -16.21 -2.84
CA GLY A 106 1.72 -15.45 -1.85
C GLY A 106 0.32 -15.98 -1.69
N THR A 107 -0.16 -15.98 -0.45
CA THR A 107 -1.51 -16.44 -0.13
C THR A 107 -2.07 -15.30 0.69
N LYS A 108 -3.13 -14.65 0.23
CA LYS A 108 -3.71 -13.55 0.97
C LYS A 108 -4.70 -14.03 2.01
N LEU A 109 -4.44 -13.68 3.26
CA LEU A 109 -5.34 -14.07 4.32
C LEU A 109 -6.47 -13.04 4.37
N GLU A 110 -7.69 -13.54 4.27
CA GLU A 110 -8.87 -12.70 4.30
C GLU A 110 -9.72 -13.11 5.48
N LEU A 111 -10.01 -12.15 6.35
CA LEU A 111 -10.84 -12.37 7.51
C LEU A 111 -12.32 -12.28 7.13
N LYS A 112 -13.13 -13.22 7.62
CA LYS A 112 -14.55 -13.19 7.34
C LYS A 112 -15.22 -12.63 8.61
N ARG A 113 -15.91 -11.50 8.47
CA ARG A 113 -16.57 -10.87 9.61
C ARG A 113 -18.03 -10.60 9.30
N ALA A 114 -18.76 -10.03 10.26
CA ALA A 114 -20.17 -9.73 10.05
C ALA A 114 -20.31 -8.56 9.07
N ASP A 115 -21.32 -8.62 8.22
CA ASP A 115 -21.55 -7.58 7.25
C ASP A 115 -21.80 -6.25 7.99
N ALA A 116 -21.44 -5.15 7.34
CA ALA A 116 -21.62 -3.82 7.92
C ALA A 116 -21.87 -2.80 6.81
N ALA A 117 -22.83 -1.91 7.04
CA ALA A 117 -23.18 -0.87 6.08
C ALA A 117 -22.10 0.22 6.11
N PRO A 118 -21.90 0.91 4.99
CA PRO A 118 -20.88 1.96 5.01
C PRO A 118 -21.36 3.26 5.67
N THR A 119 -20.41 4.02 6.21
CA THR A 119 -20.66 5.35 6.77
C THR A 119 -20.24 6.24 5.62
N VAL A 120 -21.15 7.09 5.13
CA VAL A 120 -20.86 7.95 3.98
C VAL A 120 -20.70 9.40 4.39
N SER A 121 -19.65 10.05 3.88
CA SER A 121 -19.34 11.45 4.18
C SER A 121 -19.04 12.14 2.86
N ILE A 122 -19.58 13.33 2.66
CA ILE A 122 -19.33 14.04 1.40
C ILE A 122 -18.64 15.36 1.75
N PHE A 123 -17.70 15.78 0.91
CA PHE A 123 -16.94 17.01 1.13
C PHE A 123 -16.88 17.87 -0.14
N PRO A 124 -17.25 19.16 -0.03
CA PRO A 124 -17.20 20.07 -1.19
C PRO A 124 -15.73 20.46 -1.40
N PRO A 125 -15.42 21.12 -2.53
CA PRO A 125 -14.05 21.56 -2.80
C PRO A 125 -13.58 22.49 -1.67
N SER A 126 -12.27 22.52 -1.40
CA SER A 126 -11.78 23.43 -0.37
C SER A 126 -11.67 24.80 -1.05
N SER A 127 -11.54 25.86 -0.25
CA SER A 127 -11.39 27.18 -0.83
C SER A 127 -10.06 27.28 -1.56
N GLU A 128 -9.05 26.52 -1.10
CA GLU A 128 -7.74 26.53 -1.74
C GLU A 128 -7.76 25.95 -3.14
N GLN A 129 -8.42 24.81 -3.32
CA GLN A 129 -8.49 24.22 -4.65
C GLN A 129 -9.26 25.16 -5.60
N LEU A 130 -10.30 25.79 -5.09
CA LEU A 130 -11.12 26.68 -5.90
C LEU A 130 -10.31 27.90 -6.35
N THR A 131 -9.42 28.37 -5.50
CA THR A 131 -8.61 29.51 -5.88
C THR A 131 -7.79 29.14 -7.12
N SER A 132 -7.40 27.87 -7.21
CA SER A 132 -6.59 27.36 -8.32
C SER A 132 -7.39 26.89 -9.55
N GLY A 133 -8.69 27.11 -9.53
CA GLY A 133 -9.54 26.73 -10.65
C GLY A 133 -10.02 25.29 -10.77
N GLY A 134 -9.79 24.48 -9.74
CA GLY A 134 -10.26 23.11 -9.78
C GLY A 134 -11.38 22.92 -8.74
N ALA A 135 -12.18 21.87 -8.88
CA ALA A 135 -13.27 21.62 -7.95
C ALA A 135 -13.53 20.13 -7.86
N SER A 136 -12.93 19.51 -6.84
CA SER A 136 -13.07 18.10 -6.58
C SER A 136 -14.06 17.90 -5.45
N VAL A 137 -15.05 17.04 -5.69
CA VAL A 137 -16.05 16.73 -4.65
C VAL A 137 -15.64 15.31 -4.22
N VAL A 138 -15.51 15.11 -2.91
CA VAL A 138 -15.06 13.81 -2.40
C VAL A 138 -16.12 13.18 -1.51
N CYS A 139 -16.25 11.87 -1.67
CA CYS A 139 -17.18 11.08 -0.90
C CYS A 139 -16.40 9.90 -0.35
N PHE A 140 -16.48 9.67 0.95
CA PHE A 140 -15.82 8.51 1.58
C PHE A 140 -16.95 7.51 1.98
N LEU A 141 -16.79 6.23 1.66
CA LEU A 141 -17.77 5.17 2.01
C LEU A 141 -16.88 4.33 2.95
N ASN A 142 -17.05 4.45 4.26
CA ASN A 142 -16.11 3.77 5.14
C ASN A 142 -16.63 2.68 6.04
N ASN A 143 -15.73 1.75 6.33
CA ASN A 143 -15.97 0.61 7.20
C ASN A 143 -17.18 -0.25 6.90
N PHE A 144 -17.22 -0.77 5.68
CA PHE A 144 -18.29 -1.66 5.28
C PHE A 144 -17.78 -3.09 5.05
N TYR A 145 -18.69 -4.05 4.97
CA TYR A 145 -18.32 -5.45 4.72
C TYR A 145 -19.55 -6.21 4.23
N PRO A 146 -19.42 -7.00 3.13
CA PRO A 146 -18.29 -7.34 2.25
C PRO A 146 -17.69 -6.24 1.36
N LYS A 147 -16.63 -6.60 0.64
CA LYS A 147 -15.90 -5.64 -0.18
C LYS A 147 -16.61 -4.93 -1.32
N ASP A 148 -17.54 -5.62 -1.97
CA ASP A 148 -18.24 -5.02 -3.11
C ASP A 148 -19.13 -3.84 -2.72
N ILE A 149 -19.05 -2.76 -3.50
CA ILE A 149 -19.88 -1.61 -3.24
C ILE A 149 -20.05 -0.83 -4.53
N ASN A 150 -21.12 -0.06 -4.63
CA ASN A 150 -21.31 0.74 -5.81
C ASN A 150 -21.57 2.15 -5.38
N VAL A 151 -21.04 3.12 -6.14
CA VAL A 151 -21.27 4.51 -5.81
C VAL A 151 -21.86 5.16 -7.05
N LYS A 152 -22.81 6.07 -6.83
CA LYS A 152 -23.41 6.80 -7.93
C LYS A 152 -23.41 8.29 -7.59
N TRP A 153 -22.93 9.12 -8.52
CA TRP A 153 -22.92 10.57 -8.33
C TRP A 153 -24.04 11.25 -9.10
N LYS A 154 -24.60 12.29 -8.50
CA LYS A 154 -25.62 13.08 -9.18
C LYS A 154 -25.33 14.57 -9.06
N ILE A 155 -25.58 15.31 -10.12
CA ILE A 155 -25.38 16.76 -10.11
C ILE A 155 -26.67 17.41 -10.57
N ASP A 156 -27.28 18.20 -9.71
CA ASP A 156 -28.55 18.83 -10.01
C ASP A 156 -29.56 17.78 -10.49
N GLY A 157 -29.53 16.63 -9.83
CA GLY A 157 -30.47 15.57 -10.15
C GLY A 157 -30.13 14.61 -11.28
N SER A 158 -29.08 14.90 -12.04
CA SER A 158 -28.72 14.01 -13.13
C SER A 158 -27.47 13.18 -12.78
N GLU A 159 -27.54 11.89 -13.04
CA GLU A 159 -26.43 11.00 -12.76
C GLU A 159 -25.20 11.42 -13.57
N ARG A 160 -24.05 11.40 -12.92
CA ARG A 160 -22.80 11.77 -13.58
C ARG A 160 -21.84 10.60 -13.42
N GLN A 161 -21.27 10.14 -14.53
CA GLN A 161 -20.36 8.99 -14.51
C GLN A 161 -18.92 9.27 -14.97
N ASN A 162 -18.70 10.40 -15.63
CA ASN A 162 -17.36 10.76 -16.07
C ASN A 162 -16.75 11.78 -15.12
N GLY A 163 -15.42 11.74 -14.97
CA GLY A 163 -14.75 12.65 -14.05
C GLY A 163 -14.65 12.05 -12.65
N VAL A 164 -15.14 10.82 -12.49
CA VAL A 164 -15.15 10.10 -11.20
C VAL A 164 -13.95 9.14 -11.05
N LEU A 165 -13.24 9.26 -9.92
CA LEU A 165 -12.09 8.39 -9.61
C LEU A 165 -12.43 7.68 -8.30
N ASN A 166 -12.29 6.36 -8.29
CA ASN A 166 -12.61 5.52 -7.13
C ASN A 166 -11.40 4.73 -6.66
N SER A 167 -11.26 4.56 -5.36
CA SER A 167 -10.13 3.82 -4.87
C SER A 167 -10.56 3.05 -3.62
N TRP A 168 -10.12 1.81 -3.49
CA TRP A 168 -10.50 0.96 -2.34
C TRP A 168 -9.28 0.66 -1.48
N THR A 169 -9.51 0.50 -0.18
CA THR A 169 -8.40 0.16 0.71
C THR A 169 -8.33 -1.37 0.73
N ASP A 170 -7.22 -1.89 1.24
CA ASP A 170 -7.12 -3.33 1.39
C ASP A 170 -7.88 -3.53 2.70
N GLN A 171 -8.05 -4.78 3.13
CA GLN A 171 -8.82 -5.05 4.34
C GLN A 171 -8.22 -4.42 5.60
N ASP A 172 -9.09 -3.79 6.39
CA ASP A 172 -8.65 -3.12 7.61
C ASP A 172 -8.07 -4.04 8.69
N SER A 173 -6.84 -3.77 9.10
CA SER A 173 -6.16 -4.60 10.11
C SER A 173 -6.68 -4.43 11.53
N LYS A 174 -7.54 -3.44 11.75
CA LYS A 174 -8.09 -3.21 13.07
C LYS A 174 -9.49 -3.79 13.18
N ASP A 175 -10.34 -3.55 12.18
CA ASP A 175 -11.70 -4.09 12.23
C ASP A 175 -12.13 -5.01 11.10
N SER A 176 -11.20 -5.33 10.20
CA SER A 176 -11.48 -6.21 9.06
C SER A 176 -12.55 -5.74 8.07
N THR A 177 -12.79 -4.43 7.99
CA THR A 177 -13.78 -3.89 7.05
C THR A 177 -13.01 -3.29 5.87
N TYR A 178 -13.76 -2.77 4.91
CA TYR A 178 -13.20 -2.13 3.73
C TYR A 178 -13.72 -0.70 3.68
N SER A 179 -13.08 0.11 2.84
CA SER A 179 -13.48 1.47 2.67
C SER A 179 -13.19 1.86 1.22
N MET A 180 -13.96 2.83 0.73
CA MET A 180 -13.78 3.25 -0.64
C MET A 180 -13.95 4.76 -0.70
N SER A 181 -13.13 5.38 -1.54
CA SER A 181 -13.16 6.81 -1.75
C SER A 181 -13.54 7.05 -3.20
N SER A 182 -14.46 7.96 -3.41
CA SER A 182 -14.91 8.34 -4.75
C SER A 182 -14.79 9.85 -4.88
N THR A 183 -14.10 10.31 -5.91
CA THR A 183 -13.87 11.74 -6.13
C THR A 183 -14.36 12.23 -7.49
N LEU A 184 -15.23 13.22 -7.46
CA LEU A 184 -15.74 13.78 -8.70
C LEU A 184 -15.03 15.08 -8.93
N THR A 185 -14.21 15.13 -9.99
CA THR A 185 -13.48 16.34 -10.27
C THR A 185 -14.05 17.12 -11.44
N LEU A 186 -14.43 18.36 -11.18
CA LEU A 186 -14.92 19.26 -12.20
C LEU A 186 -13.92 20.44 -12.24
N THR A 187 -14.14 21.37 -13.16
CA THR A 187 -13.30 22.56 -13.21
C THR A 187 -14.12 23.49 -12.34
N LYS A 188 -13.52 24.58 -11.85
CA LYS A 188 -14.30 25.51 -11.06
C LYS A 188 -15.41 26.12 -11.91
N ASP A 189 -15.10 26.43 -13.17
CA ASP A 189 -16.09 27.03 -14.07
C ASP A 189 -17.38 26.15 -14.05
N GLU A 190 -17.25 24.84 -14.27
CA GLU A 190 -18.43 23.99 -14.24
C GLU A 190 -19.08 23.81 -12.87
N TYR A 191 -18.25 23.62 -11.84
CA TYR A 191 -18.73 23.41 -10.49
C TYR A 191 -19.63 24.60 -10.10
N GLU A 192 -19.24 25.80 -10.52
CA GLU A 192 -20.01 27.00 -10.20
C GLU A 192 -21.31 27.24 -10.99
N ARG A 193 -21.64 26.32 -11.88
CA ARG A 193 -22.83 26.41 -12.70
C ARG A 193 -23.93 25.42 -12.26
N HIS A 194 -23.66 24.65 -11.19
CA HIS A 194 -24.61 23.67 -10.67
C HIS A 194 -24.78 23.89 -9.17
N ASN A 195 -25.90 23.44 -8.59
CA ASN A 195 -26.12 23.66 -7.17
C ASN A 195 -26.06 22.40 -6.29
N SER A 196 -26.75 21.34 -6.71
CA SER A 196 -26.82 20.11 -5.94
C SER A 196 -25.75 19.08 -6.30
N TYR A 197 -25.07 18.52 -5.29
CA TYR A 197 -24.03 17.49 -5.49
C TYR A 197 -24.33 16.31 -4.58
N THR A 198 -24.49 15.13 -5.17
CA THR A 198 -24.92 13.93 -4.41
C THR A 198 -24.11 12.66 -4.63
N CYS A 199 -23.81 12.00 -3.52
CA CYS A 199 -23.06 10.76 -3.46
C CYS A 199 -24.04 9.64 -3.01
N GLU A 200 -24.18 8.57 -3.78
CA GLU A 200 -25.09 7.49 -3.37
C GLU A 200 -24.38 6.16 -3.30
N ALA A 201 -24.45 5.55 -2.12
CA ALA A 201 -23.80 4.26 -1.92
C ALA A 201 -24.86 3.13 -1.81
N THR A 202 -24.67 2.08 -2.61
CA THR A 202 -25.54 0.91 -2.59
C THR A 202 -24.65 -0.28 -2.28
N HIS A 203 -24.91 -0.88 -1.14
CA HIS A 203 -24.15 -1.99 -0.60
C HIS A 203 -25.05 -3.19 -0.24
N LYS A 204 -24.45 -4.37 -0.19
CA LYS A 204 -25.16 -5.62 0.14
C LYS A 204 -26.12 -5.47 1.33
N THR A 205 -25.65 -4.82 2.39
CA THR A 205 -26.43 -4.65 3.59
C THR A 205 -27.80 -4.04 3.46
N SER A 206 -28.12 -3.51 2.29
CA SER A 206 -29.43 -2.96 2.07
C SER A 206 -29.72 -2.63 0.62
N THR A 207 -30.98 -2.80 0.25
CA THR A 207 -31.43 -2.49 -1.09
C THR A 207 -31.67 -0.97 -1.16
N SER A 208 -31.69 -0.30 -0.02
CA SER A 208 -31.86 1.15 -0.04
C SER A 208 -30.47 1.80 0.04
N PRO A 209 -30.19 2.76 -0.86
CA PRO A 209 -28.87 3.40 -0.82
C PRO A 209 -28.71 4.42 0.30
N ILE A 210 -27.45 4.68 0.65
CA ILE A 210 -27.14 5.69 1.66
C ILE A 210 -26.75 6.89 0.81
N VAL A 211 -27.54 7.95 0.92
CA VAL A 211 -27.34 9.17 0.14
C VAL A 211 -26.87 10.34 1.00
N LYS A 212 -25.84 11.05 0.51
CA LYS A 212 -25.31 12.28 1.16
C LYS A 212 -25.21 13.36 0.07
N SER A 213 -25.72 14.54 0.36
CA SER A 213 -25.67 15.63 -0.60
C SER A 213 -25.41 17.00 0.06
N PHE A 214 -25.06 18.00 -0.75
CA PHE A 214 -24.96 19.38 -0.25
C PHE A 214 -25.38 20.30 -1.40
N ASN A 215 -25.74 21.53 -1.07
CA ASN A 215 -26.12 22.49 -2.10
C ASN A 215 -25.09 23.56 -2.01
N ARG A 216 -24.48 23.88 -3.14
CA ARG A 216 -23.43 24.88 -3.16
C ARG A 216 -23.99 26.19 -2.59
N ASN A 217 -25.31 26.38 -2.72
CA ASN A 217 -26.01 27.59 -2.22
C ASN A 217 -26.61 27.41 -0.83
N GLU A 218 -26.36 26.27 -0.20
CA GLU A 218 -26.90 25.99 1.12
C GLU A 218 -26.29 26.92 2.16
N GLN B 5 18.65 1.84 5.26
CA GLN B 5 17.96 3.07 4.76
C GLN B 5 18.24 3.38 3.29
N GLN B 6 17.17 3.53 2.51
CA GLN B 6 17.25 3.85 1.08
C GLN B 6 16.22 4.92 0.71
N PRO B 7 16.52 5.75 -0.30
CA PRO B 7 15.60 6.82 -0.72
C PRO B 7 14.20 6.37 -1.15
N GLY B 8 13.21 7.23 -0.89
CA GLY B 8 11.82 6.94 -1.21
C GLY B 8 11.45 6.78 -2.68
N ALA B 9 12.02 7.62 -3.53
CA ALA B 9 11.71 7.54 -4.94
C ALA B 9 12.87 7.92 -5.86
N GLU B 10 12.77 7.43 -7.09
CA GLU B 10 13.72 7.73 -8.16
C GLU B 10 12.96 7.69 -9.48
N LEU B 11 12.81 8.84 -10.12
CA LEU B 11 12.14 8.94 -11.41
C LEU B 11 13.15 8.88 -12.55
N VAL B 12 13.54 7.67 -12.94
CA VAL B 12 14.50 7.49 -14.01
C VAL B 12 13.83 7.48 -15.39
N LYS B 13 14.40 8.22 -16.35
CA LYS B 13 13.85 8.27 -17.70
C LYS B 13 14.08 6.94 -18.43
N PRO B 14 13.17 6.59 -19.36
CA PRO B 14 13.33 5.33 -20.09
C PRO B 14 14.66 5.31 -20.86
N GLY B 15 15.43 4.23 -20.68
CA GLY B 15 16.71 4.12 -21.35
C GLY B 15 17.86 4.55 -20.44
N ALA B 16 17.60 5.52 -19.57
CA ALA B 16 18.60 6.00 -18.64
C ALA B 16 18.92 4.91 -17.66
N SER B 17 19.84 5.19 -16.74
CA SER B 17 20.23 4.23 -15.72
C SER B 17 20.06 4.86 -14.34
N VAL B 18 20.12 4.04 -13.29
CA VAL B 18 19.98 4.57 -11.94
C VAL B 18 20.81 3.82 -10.93
N LYS B 19 21.48 4.58 -10.06
CA LYS B 19 22.33 4.00 -9.02
C LYS B 19 21.60 4.14 -7.67
N LEU B 20 21.09 3.02 -7.16
CA LEU B 20 20.35 2.99 -5.90
C LEU B 20 21.24 2.65 -4.71
N SER B 21 21.02 3.28 -3.55
CA SER B 21 21.86 3.01 -2.37
C SER B 21 21.18 2.37 -1.18
N CYS B 22 22.03 1.86 -0.30
CA CYS B 22 21.57 1.23 0.92
C CYS B 22 22.40 1.73 2.09
N TRP B 33 26.81 -9.53 3.59
CA TRP B 33 25.65 -10.16 2.99
C TRP B 33 24.48 -9.21 2.81
N ILE B 34 24.45 -8.51 1.67
CA ILE B 34 23.39 -7.57 1.39
C ILE B 34 22.53 -8.00 0.21
N ASN B 35 21.43 -8.70 0.52
CA ASN B 35 20.50 -9.18 -0.49
C ASN B 35 19.69 -8.02 -1.09
N TRP B 36 19.08 -8.28 -2.24
CA TRP B 36 18.24 -7.29 -2.92
C TRP B 36 17.00 -7.97 -3.49
N VAL B 37 15.83 -7.39 -3.24
CA VAL B 37 14.57 -7.95 -3.71
C VAL B 37 13.76 -6.95 -4.56
N LYS B 38 13.16 -7.44 -5.63
CA LYS B 38 12.36 -6.57 -6.49
C LYS B 38 10.89 -6.90 -6.30
N GLN B 39 10.04 -5.88 -6.41
CA GLN B 39 8.60 -6.06 -6.25
C GLN B 39 7.82 -4.98 -6.97
N ARG B 40 7.13 -5.37 -8.05
CA ARG B 40 6.33 -4.44 -8.83
C ARG B 40 5.08 -4.21 -8.00
N PRO B 41 4.69 -2.93 -7.81
CA PRO B 41 3.49 -2.66 -7.02
C PRO B 41 2.38 -3.65 -7.32
N GLY B 42 1.78 -4.20 -6.25
CA GLY B 42 0.70 -5.16 -6.40
C GLY B 42 1.12 -6.59 -6.73
N GLN B 43 2.42 -6.81 -6.90
CA GLN B 43 2.94 -8.15 -7.24
C GLN B 43 3.76 -8.75 -6.11
N GLY B 44 4.35 -9.90 -6.40
CA GLY B 44 5.17 -10.60 -5.44
C GLY B 44 6.60 -10.13 -5.47
N LEU B 45 7.49 -10.94 -4.90
CA LEU B 45 8.88 -10.58 -4.81
C LEU B 45 9.82 -11.51 -5.58
N GLU B 46 10.92 -10.95 -6.06
CA GLU B 46 11.97 -11.66 -6.79
C GLU B 46 13.33 -11.32 -6.19
N TRP B 47 14.12 -12.33 -5.91
CA TRP B 47 15.47 -12.12 -5.35
C TRP B 47 16.41 -11.80 -6.49
N ILE B 48 16.97 -10.60 -6.48
CA ILE B 48 17.88 -10.14 -7.51
C ILE B 48 19.33 -10.60 -7.35
N GLY B 49 19.81 -10.66 -6.11
CA GLY B 49 21.19 -11.08 -5.87
C GLY B 49 21.82 -10.52 -4.60
N ASN B 50 22.70 -11.31 -3.99
CA ASN B 50 23.38 -10.93 -2.75
C ASN B 50 24.84 -10.53 -2.95
N VAL B 51 25.19 -9.33 -2.50
CA VAL B 51 26.54 -8.83 -2.62
C VAL B 51 27.24 -8.91 -1.25
N TYR B 52 28.56 -8.82 -1.25
CA TYR B 52 29.33 -8.87 -0.01
C TYR B 52 30.44 -7.82 0.01
N PRO B 53 30.22 -6.72 0.76
CA PRO B 53 31.18 -5.62 0.88
C PRO B 53 32.57 -6.09 1.30
N GLY B 54 32.62 -7.09 2.17
CA GLY B 54 33.89 -7.63 2.65
C GLY B 54 34.90 -7.85 1.56
N SER B 55 34.48 -8.50 0.47
CA SER B 55 35.37 -8.78 -0.65
C SER B 55 34.74 -8.37 -1.98
N SER B 56 33.80 -7.43 -1.92
CA SER B 56 33.09 -6.96 -3.12
C SER B 56 32.66 -8.16 -3.96
N SER B 57 32.34 -9.24 -3.27
CA SER B 57 31.90 -10.51 -3.85
C SER B 57 30.43 -10.48 -4.28
N THR B 58 30.17 -9.92 -5.46
CA THR B 58 28.81 -9.83 -5.99
C THR B 58 28.29 -11.13 -6.60
N ASN B 59 27.03 -11.44 -6.31
CA ASN B 59 26.36 -12.66 -6.78
C ASN B 59 25.01 -12.29 -7.44
N TYR B 60 24.87 -12.53 -8.75
CA TYR B 60 23.63 -12.17 -9.43
C TYR B 60 22.61 -13.24 -9.81
N ASN B 61 21.37 -12.82 -9.99
CA ASN B 61 20.31 -13.73 -10.43
C ASN B 61 20.45 -13.62 -11.93
N GLU B 62 20.45 -14.75 -12.63
CA GLU B 62 20.61 -14.75 -14.09
C GLU B 62 19.77 -13.70 -14.80
N LYS B 63 18.49 -13.65 -14.45
CA LYS B 63 17.55 -12.70 -15.05
C LYS B 63 18.00 -11.25 -14.91
N PHE B 64 18.78 -10.96 -13.88
CA PHE B 64 19.23 -9.59 -13.64
C PHE B 64 20.71 -9.38 -13.86
N LYS B 65 21.48 -10.47 -13.90
CA LYS B 65 22.92 -10.41 -14.12
C LYS B 65 23.30 -9.30 -15.09
N ASN B 66 22.53 -9.14 -16.15
CA ASN B 66 22.78 -8.11 -17.16
C ASN B 66 22.10 -6.77 -16.86
N LYS B 67 21.24 -6.76 -15.86
CA LYS B 67 20.52 -5.55 -15.47
C LYS B 67 21.17 -4.77 -14.34
N ALA B 68 21.50 -5.47 -13.25
CA ALA B 68 22.09 -4.82 -12.07
C ALA B 68 23.53 -5.18 -11.69
N THR B 69 24.18 -4.27 -10.96
CA THR B 69 25.56 -4.45 -10.49
C THR B 69 25.68 -4.04 -9.02
N LEU B 70 25.77 -5.03 -8.14
CA LEU B 70 25.86 -4.81 -6.71
C LEU B 70 27.23 -4.30 -6.19
N THR B 71 27.65 -3.12 -6.65
CA THR B 71 28.94 -2.54 -6.24
C THR B 71 28.84 -1.77 -4.93
N VAL B 72 29.49 -2.27 -3.87
CA VAL B 72 29.46 -1.63 -2.55
C VAL B 72 30.40 -0.44 -2.40
N ASP B 73 30.55 0.01 -1.16
CA ASP B 73 31.43 1.14 -0.84
C ASP B 73 31.80 1.15 0.64
N THR B 74 33.10 0.94 0.91
CA THR B 74 33.61 0.91 2.27
C THR B 74 33.64 2.30 2.93
N SER B 75 33.98 3.33 2.16
CA SER B 75 34.04 4.69 2.71
C SER B 75 32.68 5.14 3.22
N SER B 76 31.65 4.98 2.38
CA SER B 76 30.28 5.36 2.76
C SER B 76 29.69 4.29 3.68
N SER B 77 30.24 3.09 3.62
CA SER B 77 29.74 1.98 4.43
C SER B 77 28.31 1.70 3.99
N THR B 78 28.09 1.76 2.69
CA THR B 78 26.76 1.52 2.13
C THR B 78 26.85 0.62 0.89
N ALA B 79 25.81 -0.19 0.70
CA ALA B 79 25.73 -1.10 -0.44
C ALA B 79 25.03 -0.36 -1.56
N TYR B 80 25.23 -0.82 -2.79
CA TYR B 80 24.62 -0.20 -3.95
C TYR B 80 24.23 -1.27 -4.97
N MET B 81 23.35 -0.86 -5.89
CA MET B 81 22.86 -1.69 -6.98
C MET B 81 22.50 -0.77 -8.12
N GLN B 82 23.06 -1.00 -9.29
CA GLN B 82 22.76 -0.14 -10.41
C GLN B 82 21.90 -0.80 -11.49
N LEU B 83 20.95 -0.04 -12.03
CA LEU B 83 20.07 -0.51 -13.09
C LEU B 83 20.38 0.29 -14.34
N SER B 84 20.73 -0.40 -15.42
CA SER B 84 21.06 0.27 -16.67
C SER B 84 19.93 0.19 -17.69
N SER B 85 19.79 1.22 -18.51
CA SER B 85 18.73 1.28 -19.52
C SER B 85 17.46 0.66 -18.98
N LEU B 86 16.69 1.48 -18.28
CA LEU B 86 15.46 1.04 -17.68
C LEU B 86 14.25 1.15 -18.60
N THR B 87 13.31 0.24 -18.38
CA THR B 87 12.05 0.19 -19.11
C THR B 87 10.96 0.18 -18.03
N SER B 88 9.72 0.49 -18.44
CA SER B 88 8.60 0.52 -17.51
C SER B 88 8.47 -0.83 -16.85
N ASP B 89 9.17 -1.82 -17.38
CA ASP B 89 9.13 -3.14 -16.78
C ASP B 89 10.04 -3.08 -15.55
N ASP B 90 10.86 -2.03 -15.46
CA ASP B 90 11.76 -1.88 -14.32
C ASP B 90 11.16 -1.05 -13.18
N SER B 91 10.02 -0.40 -13.46
CA SER B 91 9.31 0.40 -12.44
C SER B 91 8.96 -0.58 -11.31
N ALA B 92 9.41 -0.28 -10.10
CA ALA B 92 9.10 -1.17 -9.00
C ALA B 92 9.76 -0.72 -7.71
N PHE B 93 9.48 -1.48 -6.65
CA PHE B 93 10.07 -1.23 -5.34
C PHE B 93 11.32 -2.11 -5.21
N TYR B 94 12.44 -1.48 -4.88
CA TYR B 94 13.68 -2.20 -4.71
C TYR B 94 14.11 -2.05 -3.25
N TYR B 95 14.11 -3.18 -2.55
CA TYR B 95 14.48 -3.28 -1.16
C TYR B 95 15.87 -3.90 -1.03
N CYS B 96 16.70 -3.35 -0.16
CA CYS B 96 18.03 -3.91 0.04
C CYS B 96 18.08 -4.41 1.47
N VAL B 97 17.95 -5.72 1.65
CA VAL B 97 17.95 -6.35 2.97
C VAL B 97 19.31 -6.97 3.39
N ARG B 98 19.62 -6.89 4.68
CA ARG B 98 20.89 -7.42 5.21
C ARG B 98 20.85 -8.90 5.50
N PRO B 105 18.64 -10.54 8.38
CA PRO B 105 17.38 -10.27 7.67
C PRO B 105 16.79 -8.89 7.99
N TYR B 106 17.57 -7.86 7.69
CA TYR B 106 17.19 -6.47 7.92
C TYR B 106 16.66 -5.85 6.65
N TRP B 107 15.33 -5.73 6.54
CA TRP B 107 14.73 -5.14 5.36
C TRP B 107 14.87 -3.63 5.34
N GLY B 108 15.28 -3.09 4.19
CA GLY B 108 15.42 -1.65 4.05
C GLY B 108 14.03 -1.07 3.86
N GLN B 109 13.95 0.24 3.60
CA GLN B 109 12.66 0.88 3.39
C GLN B 109 12.22 0.77 1.95
N GLY B 110 13.19 0.51 1.07
CA GLY B 110 12.88 0.38 -0.34
C GLY B 110 12.78 1.70 -1.06
N THR B 111 13.09 1.67 -2.35
CA THR B 111 13.00 2.85 -3.20
C THR B 111 12.02 2.49 -4.29
N LEU B 112 11.10 3.39 -4.58
CA LEU B 112 10.14 3.13 -5.63
C LEU B 112 10.67 3.74 -6.90
N VAL B 113 11.10 2.87 -7.81
CA VAL B 113 11.61 3.33 -9.08
C VAL B 113 10.48 3.43 -10.08
N THR B 114 10.37 4.60 -10.69
CA THR B 114 9.36 4.84 -11.69
C THR B 114 10.05 5.21 -13.01
N VAL B 115 10.08 4.24 -13.92
CA VAL B 115 10.68 4.42 -15.24
C VAL B 115 9.64 5.06 -16.12
N SER B 116 9.74 6.38 -16.24
CA SER B 116 8.80 7.14 -17.05
C SER B 116 9.49 8.40 -17.51
N ALA B 117 8.98 8.97 -18.61
CA ALA B 117 9.55 10.19 -19.18
C ALA B 117 8.94 11.45 -18.56
N ALA B 118 7.79 11.30 -17.89
CA ALA B 118 7.11 12.43 -17.24
C ALA B 118 8.04 13.12 -16.23
N LYS B 119 7.72 14.35 -15.86
CA LYS B 119 8.55 15.10 -14.91
C LYS B 119 7.95 15.12 -13.50
N THR B 120 8.79 15.44 -12.52
CA THR B 120 8.34 15.50 -11.13
C THR B 120 7.39 16.66 -10.92
N THR B 121 6.36 16.38 -10.12
CA THR B 121 5.37 17.39 -9.77
C THR B 121 4.92 17.17 -8.33
N ALA B 122 5.06 18.21 -7.51
CA ALA B 122 4.69 18.18 -6.10
C ALA B 122 3.17 18.20 -5.99
N PRO B 123 2.62 17.51 -4.98
CA PRO B 123 1.16 17.54 -4.86
C PRO B 123 0.57 18.82 -4.30
N SER B 124 -0.70 19.04 -4.62
CA SER B 124 -1.42 20.15 -4.03
C SER B 124 -2.06 19.37 -2.90
N VAL B 125 -2.21 19.98 -1.73
CA VAL B 125 -2.77 19.29 -0.58
C VAL B 125 -3.87 20.10 0.02
N TYR B 126 -5.10 19.58 -0.13
CA TYR B 126 -6.29 20.27 0.34
C TYR B 126 -6.99 19.67 1.57
N PRO B 127 -7.39 20.53 2.52
CA PRO B 127 -8.08 20.13 3.75
C PRO B 127 -9.54 19.81 3.37
N LEU B 128 -10.07 18.69 3.86
CA LEU B 128 -11.47 18.27 3.60
C LEU B 128 -12.24 18.33 4.91
N ALA B 129 -12.95 19.42 5.14
CA ALA B 129 -13.75 19.59 6.34
C ALA B 129 -15.23 19.38 5.96
N PRO B 130 -16.07 18.95 6.93
CA PRO B 130 -17.50 18.71 6.71
C PRO B 130 -18.21 19.92 6.12
N VAL B 131 -18.94 19.67 5.70
CA VAL B 131 -20.08 20.42 5.17
C VAL B 131 -19.92 20.87 3.73
N SER B 138 -21.98 10.61 16.71
CA SER B 138 -21.11 10.92 17.85
C SER B 138 -19.64 11.13 17.39
N SER B 139 -19.38 10.93 16.09
CA SER B 139 -18.03 11.11 15.56
C SER B 139 -18.08 12.05 14.36
N VAL B 140 -16.92 12.58 13.95
CA VAL B 140 -16.84 13.45 12.76
C VAL B 140 -15.68 12.95 11.88
N THR B 141 -15.89 13.03 10.56
CA THR B 141 -14.89 12.57 9.58
C THR B 141 -14.35 13.75 8.76
N LEU B 142 -13.03 13.87 8.72
CA LEU B 142 -12.32 14.93 8.01
C LEU B 142 -11.46 14.19 7.01
N GLY B 143 -10.96 14.88 5.99
CA GLY B 143 -10.15 14.20 5.02
C GLY B 143 -9.06 15.12 4.49
N CYS B 144 -8.27 14.53 3.63
CA CYS B 144 -7.14 15.21 3.03
C CYS B 144 -7.11 14.72 1.61
N LEU B 145 -7.03 15.64 0.66
CA LEU B 145 -6.99 15.27 -0.75
C LEU B 145 -5.61 15.70 -1.28
N VAL B 146 -4.86 14.74 -1.81
CA VAL B 146 -3.52 15.01 -2.31
C VAL B 146 -3.60 14.84 -3.81
N LYS B 147 -3.58 15.96 -4.52
CA LYS B 147 -3.79 15.90 -5.95
C LYS B 147 -2.71 16.45 -6.87
N GLY B 148 -2.63 15.86 -8.07
CA GLY B 148 -1.71 16.31 -9.08
C GLY B 148 -0.23 16.08 -8.92
N TYR B 149 0.17 14.94 -8.35
CA TYR B 149 1.60 14.71 -8.21
C TYR B 149 2.10 13.58 -9.10
N PHE B 150 3.42 13.55 -9.26
CA PHE B 150 4.10 12.51 -10.03
C PHE B 150 5.58 12.63 -9.65
N PRO B 151 6.26 11.51 -9.42
CA PRO B 151 5.77 10.13 -9.48
C PRO B 151 5.25 9.75 -8.09
N GLU B 152 5.04 8.46 -7.84
CA GLU B 152 4.65 8.00 -6.52
C GLU B 152 6.00 7.83 -5.79
N PRO B 153 6.00 7.64 -4.49
CA PRO B 153 4.85 7.55 -3.59
C PRO B 153 4.72 8.84 -2.81
N VAL B 154 3.74 8.84 -1.92
CA VAL B 154 3.51 9.94 -1.00
C VAL B 154 3.29 9.24 0.36
N THR B 155 3.73 9.89 1.44
CA THR B 155 3.53 9.37 2.79
C THR B 155 2.56 10.32 3.48
N LEU B 156 1.50 9.77 4.06
CA LEU B 156 0.51 10.59 4.74
C LEU B 156 0.26 10.11 6.17
N THR B 157 0.25 11.06 7.10
CA THR B 157 0.01 10.77 8.50
C THR B 157 -0.93 11.87 8.97
N TRP B 158 -1.47 11.71 10.18
CA TRP B 158 -2.33 12.71 10.77
C TRP B 158 -1.69 13.08 12.11
N ASN B 159 -1.66 14.38 12.42
CA ASN B 159 -1.02 14.88 13.63
C ASN B 159 0.33 14.18 13.81
N SER B 160 1.11 14.20 12.73
CA SER B 160 2.43 13.60 12.70
C SER B 160 2.49 12.15 13.15
N GLY B 161 1.38 11.42 13.00
CA GLY B 161 1.38 10.03 13.41
C GLY B 161 0.65 9.75 14.73
N SER B 162 0.34 10.82 15.48
CA SER B 162 -0.32 10.70 16.78
C SER B 162 -1.76 10.14 16.63
N LEU B 163 -2.38 10.42 15.49
CA LEU B 163 -3.74 9.94 15.23
C LEU B 163 -3.63 8.78 14.23
N SER B 164 -3.91 7.56 14.68
CA SER B 164 -3.82 6.43 13.75
C SER B 164 -5.03 5.48 13.75
N SER B 165 -5.81 5.48 14.82
CA SER B 165 -6.96 4.60 14.95
C SER B 165 -8.14 4.71 14.00
N GLY B 166 -8.49 5.92 13.58
CA GLY B 166 -9.67 6.00 12.72
C GLY B 166 -9.32 6.59 11.38
N VAL B 167 -8.16 6.17 10.89
CA VAL B 167 -7.60 6.63 9.63
C VAL B 167 -7.68 5.59 8.51
N HIS B 168 -8.08 6.06 7.34
CA HIS B 168 -8.14 5.26 6.14
C HIS B 168 -7.36 6.02 5.09
N THR B 169 -6.43 5.35 4.42
CA THR B 169 -5.66 5.99 3.36
C THR B 169 -5.83 5.14 2.12
N PHE B 170 -6.40 5.79 1.10
CA PHE B 170 -6.75 5.20 -0.16
C PHE B 170 -5.63 5.17 -1.20
N PRO B 171 -5.40 4.01 -1.82
CA PRO B 171 -4.35 3.87 -2.85
C PRO B 171 -4.54 4.99 -3.88
N ALA B 172 -3.43 5.47 -4.42
CA ALA B 172 -3.46 6.54 -5.41
C ALA B 172 -3.99 5.98 -6.74
N VAL B 173 -4.59 6.84 -7.54
CA VAL B 173 -5.14 6.47 -8.84
C VAL B 173 -4.47 7.36 -9.88
N LEU B 174 -3.90 6.75 -10.93
CA LEU B 174 -3.23 7.54 -11.96
C LEU B 174 -4.22 8.12 -12.98
N GLN B 175 -4.22 9.44 -13.10
CA GLN B 175 -5.13 10.14 -14.02
C GLN B 175 -4.41 11.27 -14.79
N SER B 176 -4.35 11.14 -16.11
CA SER B 176 -3.71 12.12 -16.99
C SER B 176 -2.26 12.35 -16.59
N ASP B 177 -1.54 11.25 -16.37
CA ASP B 177 -0.13 11.29 -15.97
C ASP B 177 0.11 11.94 -14.61
N LEU B 178 -0.92 11.96 -13.77
CA LEU B 178 -0.79 12.54 -12.42
C LEU B 178 -1.55 11.69 -11.44
N TYR B 179 -1.03 11.62 -10.24
CA TYR B 179 -1.66 10.82 -9.21
C TYR B 179 -2.51 11.64 -8.26
N THR B 180 -3.53 10.99 -7.73
CA THR B 180 -4.37 11.64 -6.74
C THR B 180 -4.62 10.60 -5.65
N LEU B 181 -4.51 11.03 -4.40
CA LEU B 181 -4.71 10.16 -3.25
C LEU B 181 -5.56 10.90 -2.23
N SER B 182 -6.19 10.16 -1.32
CA SER B 182 -6.99 10.82 -0.29
C SER B 182 -6.90 10.00 0.99
N SER B 183 -7.17 10.65 2.11
CA SER B 183 -7.12 9.99 3.39
C SER B 183 -8.23 10.57 4.24
N SER B 184 -8.85 9.72 5.07
CA SER B 184 -9.89 10.23 5.97
C SER B 184 -9.48 9.85 7.39
N VAL B 185 -9.98 10.58 8.36
CA VAL B 185 -9.71 10.30 9.75
C VAL B 185 -11.02 10.62 10.44
N THR B 186 -11.42 9.73 11.35
CA THR B 186 -12.64 9.91 12.09
C THR B 186 -12.37 9.98 13.60
N VAL B 187 -12.92 10.97 14.27
CA VAL B 187 -12.72 11.06 15.71
C VAL B 187 -14.03 11.45 16.39
N THR B 188 -14.01 11.36 17.72
CA THR B 188 -15.13 11.72 18.58
C THR B 188 -15.49 13.15 18.19
N SER B 189 -16.76 13.39 17.84
CA SER B 189 -17.21 14.72 17.40
C SER B 189 -16.90 15.92 18.32
N SER B 190 -16.98 15.72 19.64
CA SER B 190 -16.70 16.78 20.59
C SER B 190 -15.25 17.28 20.64
N THR B 191 -14.32 16.52 20.07
CA THR B 191 -12.89 16.87 20.07
C THR B 191 -12.33 17.61 18.83
N TRP B 192 -13.21 17.99 17.90
CA TRP B 192 -12.76 18.71 16.71
C TRP B 192 -13.80 19.79 16.44
N PRO B 193 -13.38 21.05 16.18
CA PRO B 193 -12.01 21.60 16.09
C PRO B 193 -11.27 21.88 17.38
N SER B 194 -11.88 21.61 18.53
CA SER B 194 -11.21 21.88 19.82
C SER B 194 -9.80 21.29 19.92
N GLN B 195 -9.63 20.06 19.46
CA GLN B 195 -8.32 19.41 19.50
C GLN B 195 -7.89 19.23 18.06
N SER B 196 -6.98 20.12 17.69
CA SER B 196 -6.43 20.25 16.34
C SER B 196 -6.12 19.00 15.56
N ILE B 197 -6.46 19.03 14.27
CA ILE B 197 -6.15 17.92 13.38
C ILE B 197 -5.53 18.44 12.10
N THR B 198 -4.33 17.92 11.82
CA THR B 198 -3.51 18.31 10.68
C THR B 198 -3.07 17.09 9.90
N CYS B 199 -3.19 17.18 8.59
CA CYS B 199 -2.81 16.12 7.69
C CYS B 199 -1.37 16.40 7.18
N ASN B 200 -0.45 15.44 7.33
CA ASN B 200 0.94 15.63 6.90
C ASN B 200 1.26 14.78 5.67
N VAL B 201 1.74 15.43 4.62
CA VAL B 201 2.01 14.73 3.39
C VAL B 201 3.43 15.01 2.93
N ALA B 202 4.14 13.94 2.63
CA ALA B 202 5.53 14.03 2.16
C ALA B 202 5.59 13.39 0.78
N HIS B 203 6.25 14.09 -0.14
CA HIS B 203 6.43 13.62 -1.49
C HIS B 203 7.95 13.60 -1.73
N PRO B 204 8.58 12.44 -1.50
CA PRO B 204 10.01 12.17 -1.64
C PRO B 204 10.62 12.65 -2.96
N ALA B 205 9.96 12.32 -4.07
CA ALA B 205 10.45 12.71 -5.38
C ALA B 205 10.73 14.19 -5.44
N SER B 206 9.88 15.01 -4.85
CA SER B 206 10.10 16.43 -4.87
C SER B 206 10.68 17.02 -3.57
N SER B 207 11.06 16.15 -2.63
CA SER B 207 11.62 16.60 -1.36
C SER B 207 10.69 17.63 -0.71
N THR B 208 9.38 17.51 -0.92
CA THR B 208 8.47 18.47 -0.33
C THR B 208 7.55 17.80 0.68
N LYS B 209 7.11 18.57 1.67
CA LYS B 209 6.19 18.09 2.70
C LYS B 209 5.20 19.24 2.90
N VAL B 210 3.96 18.90 3.24
CA VAL B 210 2.91 19.88 3.50
C VAL B 210 2.18 19.41 4.76
N ASP B 211 2.01 20.33 5.70
CA ASP B 211 1.29 20.02 6.93
C ASP B 211 0.08 20.91 6.94
N LYS B 212 -1.05 20.38 6.43
CA LYS B 212 -2.33 21.11 6.33
C LYS B 212 -3.35 20.90 7.44
N LYS B 213 -3.50 21.95 8.25
CA LYS B 213 -4.45 21.96 9.34
C LYS B 213 -5.88 21.90 8.79
N ILE B 214 -6.72 21.03 9.34
CA ILE B 214 -8.10 20.98 8.86
C ILE B 214 -8.85 22.03 9.67
N GLU B 215 -9.51 22.97 9.01
CA GLU B 215 -10.23 24.03 9.70
C GLU B 215 -11.70 24.05 9.39
N PRO B 216 -12.51 24.54 10.33
CA PRO B 216 -13.94 24.59 10.06
C PRO B 216 -14.18 25.52 8.87
N ARG B 217 -15.10 25.15 8.00
CA ARG B 217 -15.47 25.97 6.85
C ARG B 217 -16.24 27.19 7.39
#